data_1JK0
#
_entry.id   1JK0
#
_cell.length_a   92.900
_cell.length_b   93.000
_cell.length_c   97.400
_cell.angle_alpha   90.00
_cell.angle_beta   90.00
_cell.angle_gamma   90.00
#
_symmetry.space_group_name_H-M   'P 21 21 21'
#
loop_
_entity.id
_entity.type
_entity.pdbx_description
1 polymer 'ribonucleoside-diphosphate reductase small chain 1'
2 polymer 'ribonucleoside-diphosphate reductase small chain 2'
3 non-polymer 'ZINC ION'
4 water water
#
loop_
_entity_poly.entity_id
_entity_poly.type
_entity_poly.pdbx_seq_one_letter_code
_entity_poly.pdbx_strand_id
1 'polypeptide(L)'
;MGSSHHHHHHSSGLVPRGSHMPKETPSKAAADALSDLEIKDSKSNLNKELETLREENRVKSDMLKEKLSKDAENHKAYLK
SHQVHRHKLKEMEKEEPLLNEDKERTVLFPIKYHEIWQAYKRAEASFWTAEEIDLSKDIHDWNNRMNENERFFISRVLAF
FAASDGIVNENLVENFSTEVQIPEAKSFYGFQIMIENIHSETYSLLIDTYIKDPKESEFLFNAIHTIPEIGEKAEWALRW
IQDADALFGERLVAFASIEGVFFSGSFASIFWLKKRGMMPGLTFSNELICRDEGLHTDFACLLFAHLKNKPDPAIVEKIV
TEAVEIEQRYFLDALPVALLGMNADLMNQYVEFVADRLLVAFGNKKYYKVENPFDFMENISLAGKTNFFEKRVSDYQKAG
VMSKSTKQEAGAFTFNEDF
;
A
2 'polypeptide(L)'
;MEAHNQFLKTFQKERHDMKEAEKDEILLMENSRRFVMFPIKYHEIWAAYKKVEASFWTAEEIELAKDTEDFQKLTDDQKT
YIGNLLALSISSDNLVNKYLIENFSAQLQNPEGKSFYGFQIMMENIYSEVYSMMVDAFFKDPKNIPLFKEIANLPEVKHK
AAFIERWISNDDSLYAERLVAFAAKEGIFQAGNYASMFWLTDKKIMPGLAMANRNICRDRGAYTDFSCLLFAHLRTKPNP
KIIEKIITEAVEIEKEYYSNSLPVEKFGMDLKSIHTYIEFVADGLLQGFGNEKYYNAVNPFEFMEDVATAGKTTFFEKKV
SDYQKASDMSKSATPSKEINFDDDF
;
B
#
loop_
_chem_comp.id
_chem_comp.type
_chem_comp.name
_chem_comp.formula
ZN non-polymer 'ZINC ION' 'Zn 2'
#
# COMPACT_ATOMS: atom_id res chain seq x y z
N LEU A 46 -6.60 -17.71 36.62
CA LEU A 46 -6.26 -18.74 35.61
C LEU A 46 -7.28 -18.62 34.46
N ASN A 47 -7.60 -19.74 33.83
CA ASN A 47 -8.61 -19.74 32.79
C ASN A 47 -9.95 -19.79 33.52
N LYS A 48 -9.90 -19.82 34.85
CA LYS A 48 -11.09 -19.84 35.67
C LYS A 48 -11.76 -18.47 35.59
N GLU A 49 -10.97 -17.43 35.81
CA GLU A 49 -11.51 -16.07 35.75
C GLU A 49 -11.98 -15.70 34.35
N LEU A 50 -11.25 -16.18 33.36
CA LEU A 50 -11.59 -15.89 31.98
C LEU A 50 -12.97 -16.44 31.64
N GLU A 51 -13.33 -17.56 32.26
CA GLU A 51 -14.63 -18.16 31.99
C GLU A 51 -15.68 -17.36 32.77
N THR A 52 -15.33 -16.93 33.98
CA THR A 52 -16.23 -16.12 34.80
C THR A 52 -16.61 -14.86 34.05
N LEU A 53 -15.59 -14.21 33.51
CA LEU A 53 -15.77 -12.98 32.76
C LEU A 53 -16.56 -13.27 31.48
N ARG A 54 -16.07 -14.19 30.67
CA ARG A 54 -16.78 -14.50 29.43
C ARG A 54 -18.24 -14.77 29.71
N GLU A 55 -18.50 -15.43 30.83
CA GLU A 55 -19.85 -15.79 31.24
C GLU A 55 -20.75 -14.60 31.58
N GLU A 56 -20.15 -13.51 32.06
CA GLU A 56 -20.94 -12.32 32.39
C GLU A 56 -21.70 -11.78 31.17
N ASN A 57 -21.28 -12.17 29.95
CA ASN A 57 -21.92 -11.68 28.72
C ASN A 57 -22.23 -12.75 27.71
N ARG A 58 -22.36 -13.98 28.19
CA ARG A 58 -22.67 -15.13 27.35
C ARG A 58 -24.03 -14.99 26.63
N VAL A 59 -25.03 -14.43 27.33
CA VAL A 59 -26.37 -14.24 26.77
C VAL A 59 -26.37 -13.14 25.74
N LYS A 60 -25.64 -12.06 26.06
CA LYS A 60 -25.55 -10.93 25.15
C LYS A 60 -24.80 -11.34 23.89
N SER A 61 -23.74 -12.11 24.10
CA SER A 61 -22.89 -12.60 23.03
C SER A 61 -23.59 -13.58 22.08
N ASP A 62 -24.23 -14.59 22.65
CA ASP A 62 -24.96 -15.60 21.88
C ASP A 62 -26.06 -15.00 21.02
N MET A 63 -26.53 -13.82 21.39
CA MET A 63 -27.56 -13.13 20.62
C MET A 63 -26.92 -12.62 19.34
N LEU A 64 -25.84 -11.86 19.50
CA LEU A 64 -25.14 -11.30 18.35
C LEU A 64 -24.80 -12.47 17.42
N LYS A 65 -24.31 -13.57 17.98
CA LYS A 65 -23.95 -14.76 17.21
C LYS A 65 -25.16 -15.20 16.39
N GLU A 66 -26.28 -15.39 17.08
CA GLU A 66 -27.52 -15.80 16.43
C GLU A 66 -27.84 -14.80 15.32
N LYS A 67 -27.90 -13.54 15.69
CA LYS A 67 -28.20 -12.49 14.73
C LYS A 67 -27.34 -12.66 13.46
N LEU A 68 -26.03 -12.78 13.67
CA LEU A 68 -25.09 -12.93 12.57
C LEU A 68 -25.21 -14.25 11.84
N SER A 69 -25.75 -15.26 12.50
CA SER A 69 -25.86 -16.57 11.85
C SER A 69 -26.76 -16.53 10.63
N LYS A 70 -27.92 -15.89 10.75
CA LYS A 70 -28.85 -15.82 9.64
C LYS A 70 -28.67 -14.64 8.66
N ASP A 71 -27.41 -14.28 8.39
CA ASP A 71 -27.11 -13.20 7.46
C ASP A 71 -26.69 -13.79 6.12
N ALA A 72 -26.00 -14.92 6.17
CA ALA A 72 -25.57 -15.58 4.94
C ALA A 72 -26.84 -16.02 4.16
N GLU A 73 -27.93 -16.20 4.89
CA GLU A 73 -29.20 -16.61 4.31
C GLU A 73 -30.07 -15.42 3.93
N ASN A 74 -30.17 -14.42 4.79
CA ASN A 74 -30.98 -13.24 4.50
C ASN A 74 -30.40 -12.49 3.29
N HIS A 75 -29.11 -12.67 3.07
CA HIS A 75 -28.39 -12.03 1.98
C HIS A 75 -28.65 -12.72 0.62
N LYS A 76 -28.59 -14.05 0.59
CA LYS A 76 -28.84 -14.76 -0.66
C LYS A 76 -30.28 -14.50 -1.09
N ALA A 77 -31.17 -14.35 -0.11
CA ALA A 77 -32.57 -14.08 -0.37
C ALA A 77 -32.69 -12.70 -1.02
N TYR A 78 -32.17 -11.69 -0.34
CA TYR A 78 -32.18 -10.33 -0.85
C TYR A 78 -31.62 -10.33 -2.27
N LEU A 79 -30.51 -11.02 -2.49
CA LEU A 79 -29.93 -11.04 -3.81
C LEU A 79 -30.83 -11.74 -4.83
N LYS A 80 -31.46 -12.83 -4.40
CA LYS A 80 -32.34 -13.58 -5.28
C LYS A 80 -33.51 -12.73 -5.75
N SER A 81 -34.05 -11.90 -4.87
CA SER A 81 -35.20 -11.09 -5.22
C SER A 81 -34.95 -9.69 -5.77
N HIS A 82 -33.70 -9.27 -5.88
CA HIS A 82 -33.39 -7.94 -6.42
C HIS A 82 -32.47 -8.01 -7.64
N GLN A 83 -32.38 -9.20 -8.23
CA GLN A 83 -31.54 -9.43 -9.40
C GLN A 83 -31.70 -8.40 -10.50
N VAL A 84 -32.94 -7.98 -10.75
CA VAL A 84 -33.17 -6.99 -11.79
C VAL A 84 -32.55 -5.65 -11.43
N HIS A 85 -32.71 -5.24 -10.18
CA HIS A 85 -32.19 -3.95 -9.74
C HIS A 85 -30.70 -3.94 -9.60
N ARG A 86 -30.14 -4.98 -9.00
CA ARG A 86 -28.69 -5.00 -8.83
C ARG A 86 -28.05 -5.04 -10.21
N HIS A 87 -28.66 -5.75 -11.16
CA HIS A 87 -28.12 -5.82 -12.50
C HIS A 87 -28.02 -4.43 -13.15
N LYS A 88 -28.93 -3.52 -12.79
CA LYS A 88 -28.87 -2.18 -13.35
C LYS A 88 -27.78 -1.39 -12.69
N LEU A 89 -27.59 -1.59 -11.39
CA LEU A 89 -26.55 -0.87 -10.68
C LEU A 89 -25.18 -1.25 -11.20
N LYS A 90 -24.90 -2.55 -11.28
CA LYS A 90 -23.60 -3.01 -11.75
C LYS A 90 -23.33 -2.46 -13.14
N GLU A 91 -24.38 -2.16 -13.88
CA GLU A 91 -24.24 -1.65 -15.24
C GLU A 91 -23.83 -0.19 -15.19
N MET A 92 -24.66 0.63 -14.55
CA MET A 92 -24.40 2.06 -14.42
C MET A 92 -23.03 2.33 -13.83
N GLU A 93 -22.51 1.36 -13.10
CA GLU A 93 -21.18 1.48 -12.51
C GLU A 93 -20.20 1.92 -13.61
N LYS A 94 -20.42 1.42 -14.81
CA LYS A 94 -19.60 1.72 -15.98
C LYS A 94 -19.71 3.18 -16.39
N GLU A 95 -20.51 3.96 -15.65
CA GLU A 95 -20.68 5.37 -15.96
C GLU A 95 -20.14 6.30 -14.89
N GLU A 96 -19.66 5.71 -13.80
CA GLU A 96 -19.13 6.49 -12.68
C GLU A 96 -17.72 7.06 -12.94
N PRO A 97 -17.62 8.39 -12.89
CA PRO A 97 -16.39 9.16 -13.10
C PRO A 97 -15.21 8.54 -12.39
N LEU A 98 -15.40 8.19 -11.12
CA LEU A 98 -14.33 7.57 -10.35
C LEU A 98 -13.85 6.29 -11.00
N LEU A 99 -14.78 5.45 -11.42
CA LEU A 99 -14.44 4.16 -12.01
C LEU A 99 -14.05 4.12 -13.47
N ASN A 100 -13.79 5.27 -14.08
CA ASN A 100 -13.42 5.25 -15.49
C ASN A 100 -12.36 6.28 -15.80
N GLU A 101 -11.45 5.92 -16.71
CA GLU A 101 -10.36 6.81 -17.07
C GLU A 101 -10.87 8.10 -17.67
N ASP A 102 -9.99 9.08 -17.73
CA ASP A 102 -10.27 10.39 -18.29
C ASP A 102 -9.11 10.64 -19.24
N LYS A 103 -9.25 10.17 -20.49
CA LYS A 103 -8.20 10.31 -21.49
C LYS A 103 -7.82 11.76 -21.83
N GLU A 104 -8.71 12.71 -21.57
CA GLU A 104 -8.43 14.12 -21.84
C GLU A 104 -7.42 14.69 -20.83
N ARG A 105 -7.36 14.06 -19.65
CA ARG A 105 -6.47 14.50 -18.58
C ARG A 105 -5.11 13.80 -18.71
N THR A 106 -4.08 14.60 -18.94
CA THR A 106 -2.73 14.08 -19.09
C THR A 106 -1.73 14.92 -18.31
N VAL A 107 -2.05 16.20 -18.14
CA VAL A 107 -1.19 17.12 -17.40
C VAL A 107 -0.95 16.51 -16.04
N LEU A 108 -1.95 15.78 -15.54
CA LEU A 108 -1.82 15.11 -14.25
C LEU A 108 -1.71 16.07 -13.08
N PHE A 109 -1.83 17.37 -13.32
CA PHE A 109 -1.73 18.28 -12.20
C PHE A 109 -2.99 19.08 -11.91
N PRO A 110 -3.29 20.15 -12.69
CA PRO A 110 -4.50 20.93 -12.41
C PRO A 110 -5.54 20.16 -11.59
N ILE A 111 -5.47 20.33 -10.28
CA ILE A 111 -6.33 19.65 -9.30
C ILE A 111 -7.81 19.61 -9.67
N LYS A 112 -8.28 18.45 -10.10
CA LYS A 112 -9.70 18.27 -10.44
C LYS A 112 -10.46 17.87 -9.19
N TYR A 113 -9.80 17.16 -8.29
CA TYR A 113 -10.45 16.72 -7.05
C TYR A 113 -9.66 17.18 -5.82
N HIS A 114 -9.77 18.47 -5.51
CA HIS A 114 -9.06 19.01 -4.36
C HIS A 114 -9.36 18.28 -3.06
N GLU A 115 -10.60 17.83 -2.87
CA GLU A 115 -10.97 17.12 -1.66
C GLU A 115 -10.04 15.92 -1.38
N ILE A 116 -9.84 15.08 -2.40
CA ILE A 116 -8.99 13.89 -2.31
C ILE A 116 -7.51 14.24 -2.18
N TRP A 117 -6.93 14.81 -3.23
CA TRP A 117 -5.52 15.22 -3.22
C TRP A 117 -5.14 15.74 -1.83
N GLN A 118 -5.86 16.76 -1.37
CA GLN A 118 -5.59 17.32 -0.05
C GLN A 118 -5.62 16.24 1.03
N ALA A 119 -6.39 15.17 0.81
CA ALA A 119 -6.46 14.06 1.75
C ALA A 119 -5.12 13.36 1.69
N TYR A 120 -4.68 13.08 0.46
CA TYR A 120 -3.40 12.43 0.20
C TYR A 120 -2.24 13.26 0.76
N LYS A 121 -2.24 14.56 0.50
CA LYS A 121 -1.18 15.42 1.01
C LYS A 121 -1.20 15.36 2.53
N ARG A 122 -2.40 15.35 3.08
CA ARG A 122 -2.55 15.30 4.53
C ARG A 122 -1.87 14.03 5.03
N ALA A 123 -2.04 12.95 4.27
CA ALA A 123 -1.44 11.65 4.61
C ALA A 123 0.05 11.73 4.39
N GLU A 124 0.44 12.17 3.20
CA GLU A 124 1.83 12.30 2.83
C GLU A 124 2.65 13.10 3.82
N ALA A 125 1.99 13.92 4.62
CA ALA A 125 2.73 14.72 5.60
C ALA A 125 2.75 14.03 6.95
N SER A 126 2.17 12.84 7.03
CA SER A 126 2.11 12.12 8.29
C SER A 126 3.09 10.95 8.30
N PHE A 127 3.92 10.85 7.26
CA PHE A 127 4.89 9.78 7.15
C PHE A 127 5.56 9.56 8.49
N TRP A 128 5.77 8.31 8.86
CA TRP A 128 6.42 7.98 10.13
C TRP A 128 7.01 6.59 10.04
N THR A 129 8.04 6.30 10.83
CA THR A 129 8.64 4.99 10.79
C THR A 129 8.56 4.26 12.12
N ALA A 130 8.82 2.97 12.09
CA ALA A 130 8.78 2.18 13.31
C ALA A 130 9.97 2.61 14.16
N GLU A 131 11.05 3.02 13.49
CA GLU A 131 12.27 3.46 14.16
C GLU A 131 12.05 4.61 15.11
N GLU A 132 10.88 5.26 15.05
CA GLU A 132 10.58 6.38 15.92
C GLU A 132 9.97 5.93 17.24
N ILE A 133 9.56 4.67 17.33
CA ILE A 133 8.92 4.14 18.52
C ILE A 133 9.91 3.81 19.64
N ASP A 134 9.84 4.52 20.76
CA ASP A 134 10.73 4.25 21.87
C ASP A 134 10.11 3.18 22.80
N LEU A 135 10.70 1.99 22.81
CA LEU A 135 10.22 0.88 23.64
C LEU A 135 11.09 0.61 24.84
N SER A 136 12.19 1.35 24.94
CA SER A 136 13.14 1.18 26.05
C SER A 136 12.44 1.01 27.39
N LYS A 137 11.54 1.91 27.72
CA LYS A 137 10.86 1.84 29.00
C LYS A 137 9.67 0.88 29.04
N ASP A 138 9.36 0.23 27.92
CA ASP A 138 8.22 -0.68 27.83
C ASP A 138 8.35 -2.05 28.48
N ILE A 139 9.41 -2.77 28.14
CA ILE A 139 9.62 -4.09 28.69
C ILE A 139 9.52 -4.08 30.22
N HIS A 140 9.91 -2.95 30.82
CA HIS A 140 9.85 -2.82 32.28
C HIS A 140 8.40 -2.80 32.73
N ASP A 141 7.62 -1.89 32.15
CA ASP A 141 6.20 -1.77 32.47
C ASP A 141 5.46 -3.09 32.26
N TRP A 142 5.84 -3.81 31.22
CA TRP A 142 5.21 -5.08 30.88
C TRP A 142 5.43 -6.12 31.98
N ASN A 143 6.53 -6.00 32.71
CA ASN A 143 6.85 -6.94 33.79
C ASN A 143 6.66 -6.44 35.23
N ASN A 144 6.53 -5.13 35.43
CA ASN A 144 6.41 -4.62 36.80
C ASN A 144 5.17 -3.81 37.17
N ARG A 145 4.36 -3.44 36.19
CA ARG A 145 3.18 -2.66 36.50
C ARG A 145 1.91 -3.29 35.96
N MET A 146 2.07 -4.22 35.04
CA MET A 146 0.92 -4.90 34.45
C MET A 146 0.68 -6.26 35.08
N ASN A 147 -0.59 -6.59 35.33
CA ASN A 147 -0.95 -7.87 35.90
C ASN A 147 -0.96 -8.95 34.83
N GLU A 148 -1.21 -10.18 35.24
CA GLU A 148 -1.22 -11.29 34.29
C GLU A 148 -2.44 -11.19 33.36
N ASN A 149 -3.47 -10.49 33.80
CA ASN A 149 -4.67 -10.33 32.98
C ASN A 149 -4.46 -9.26 31.93
N GLU A 150 -3.68 -8.25 32.28
CA GLU A 150 -3.39 -7.17 31.35
C GLU A 150 -2.52 -7.68 30.21
N ARG A 151 -1.46 -8.39 30.56
CA ARG A 151 -0.57 -8.93 29.55
C ARG A 151 -1.31 -9.91 28.65
N PHE A 152 -2.27 -10.61 29.23
CA PHE A 152 -3.03 -11.57 28.46
C PHE A 152 -3.94 -10.84 27.47
N PHE A 153 -4.33 -9.61 27.79
CA PHE A 153 -5.20 -8.84 26.93
C PHE A 153 -4.40 -8.15 25.84
N ILE A 154 -3.36 -7.43 26.24
CA ILE A 154 -2.53 -6.73 25.26
C ILE A 154 -1.97 -7.71 24.25
N SER A 155 -1.48 -8.85 24.72
CA SER A 155 -0.95 -9.87 23.83
C SER A 155 -1.94 -10.23 22.73
N ARG A 156 -3.06 -10.83 23.10
CA ARG A 156 -4.03 -11.21 22.09
C ARG A 156 -4.42 -10.04 21.19
N VAL A 157 -4.57 -8.86 21.78
CA VAL A 157 -4.93 -7.71 20.95
C VAL A 157 -3.83 -7.44 19.93
N LEU A 158 -2.57 -7.47 20.34
CA LEU A 158 -1.48 -7.24 19.40
C LEU A 158 -1.49 -8.36 18.37
N ALA A 159 -1.79 -9.58 18.81
CA ALA A 159 -1.84 -10.71 17.86
C ALA A 159 -2.96 -10.51 16.81
N PHE A 160 -4.15 -10.06 17.21
CA PHE A 160 -5.23 -9.87 16.24
C PHE A 160 -4.72 -8.94 15.15
N PHE A 161 -4.05 -7.87 15.57
CA PHE A 161 -3.51 -6.90 14.63
C PHE A 161 -2.60 -7.56 13.60
N ALA A 162 -1.70 -8.42 14.05
CA ALA A 162 -0.78 -9.08 13.15
C ALA A 162 -1.48 -10.06 12.24
N ALA A 163 -2.56 -10.67 12.71
CA ALA A 163 -3.29 -11.65 11.91
C ALA A 163 -4.08 -11.06 10.75
N SER A 164 -4.00 -9.74 10.57
CA SER A 164 -4.71 -9.08 9.48
C SER A 164 -3.94 -7.86 8.96
N ASP A 165 -2.65 -8.04 8.74
CA ASP A 165 -1.81 -6.95 8.24
C ASP A 165 -1.48 -7.15 6.76
N GLY A 166 -1.86 -8.31 6.23
CA GLY A 166 -1.60 -8.62 4.83
C GLY A 166 -2.88 -8.94 4.07
N ILE A 167 -3.86 -9.48 4.79
CA ILE A 167 -5.16 -9.84 4.19
C ILE A 167 -5.81 -8.59 3.58
N VAL A 168 -5.60 -7.45 4.24
CA VAL A 168 -6.15 -6.16 3.80
C VAL A 168 -5.29 -5.56 2.67
N ASN A 169 -4.08 -6.09 2.47
CA ASN A 169 -3.18 -5.59 1.42
C ASN A 169 -3.82 -5.79 0.06
N GLU A 170 -4.48 -6.92 -0.09
CA GLU A 170 -5.16 -7.26 -1.32
C GLU A 170 -6.34 -6.34 -1.60
N ASN A 171 -7.24 -6.24 -0.62
CA ASN A 171 -8.42 -5.39 -0.77
C ASN A 171 -8.04 -4.03 -1.33
N LEU A 172 -7.08 -3.36 -0.69
CA LEU A 172 -6.64 -2.03 -1.12
C LEU A 172 -6.18 -1.93 -2.56
N VAL A 173 -5.58 -2.99 -3.07
CA VAL A 173 -5.09 -2.99 -4.44
C VAL A 173 -6.04 -3.80 -5.28
N GLU A 174 -5.71 -5.07 -5.41
CA GLU A 174 -6.44 -6.05 -6.20
C GLU A 174 -7.96 -5.91 -6.21
N ASN A 175 -8.51 -5.20 -5.24
CA ASN A 175 -9.95 -5.02 -5.24
C ASN A 175 -10.34 -3.55 -5.08
N PHE A 176 -9.35 -2.66 -5.20
CA PHE A 176 -9.62 -1.23 -5.08
C PHE A 176 -8.72 -0.30 -5.86
N SER A 177 -7.49 -0.12 -5.41
CA SER A 177 -6.59 0.79 -6.13
C SER A 177 -6.65 0.53 -7.63
N THR A 178 -6.66 -0.74 -8.03
CA THR A 178 -6.72 -1.09 -9.44
C THR A 178 -7.87 -0.33 -10.09
N GLU A 179 -9.03 -0.34 -9.42
CA GLU A 179 -10.18 0.39 -9.94
C GLU A 179 -9.93 1.86 -9.65
N VAL A 180 -10.97 2.69 -9.66
CA VAL A 180 -10.78 4.10 -9.37
C VAL A 180 -9.69 4.64 -10.30
N GLN A 181 -10.06 4.95 -11.53
CA GLN A 181 -9.12 5.44 -12.53
C GLN A 181 -8.72 6.92 -12.41
N ILE A 182 -8.75 7.48 -11.21
CA ILE A 182 -8.33 8.88 -11.03
C ILE A 182 -7.08 8.99 -10.17
N PRO A 183 -6.05 9.68 -10.69
CA PRO A 183 -4.74 9.92 -10.07
C PRO A 183 -4.73 10.34 -8.61
N GLU A 184 -5.55 11.33 -8.24
CA GLU A 184 -5.58 11.76 -6.85
C GLU A 184 -5.76 10.55 -5.95
N ALA A 185 -6.81 9.78 -6.22
CA ALA A 185 -7.10 8.57 -5.45
C ALA A 185 -5.96 7.55 -5.54
N LYS A 186 -5.34 7.44 -6.71
CA LYS A 186 -4.23 6.50 -6.88
C LYS A 186 -3.12 6.88 -5.94
N SER A 187 -2.75 8.15 -5.94
CA SER A 187 -1.71 8.61 -5.05
C SER A 187 -2.06 8.22 -3.63
N PHE A 188 -3.28 8.50 -3.22
CA PHE A 188 -3.67 8.16 -1.86
C PHE A 188 -3.43 6.67 -1.60
N TYR A 189 -4.11 5.79 -2.33
CA TYR A 189 -3.93 4.35 -2.12
C TYR A 189 -2.47 3.94 -2.24
N GLY A 190 -1.73 4.64 -3.08
CA GLY A 190 -0.34 4.31 -3.23
C GLY A 190 0.28 4.41 -1.86
N PHE A 191 0.08 5.58 -1.25
CA PHE A 191 0.62 5.87 0.08
C PHE A 191 0.02 5.03 1.23
N GLN A 192 -1.24 4.63 1.10
CA GLN A 192 -1.90 3.83 2.14
C GLN A 192 -1.26 2.46 2.29
N ILE A 193 -1.06 1.81 1.16
CA ILE A 193 -0.44 0.50 1.13
C ILE A 193 0.96 0.56 1.75
N MET A 194 1.68 1.62 1.43
CA MET A 194 3.02 1.77 1.96
C MET A 194 2.91 1.96 3.47
N ILE A 195 2.03 2.85 3.93
CA ILE A 195 1.89 3.04 5.37
C ILE A 195 1.44 1.77 6.06
N GLU A 196 0.53 1.04 5.45
CA GLU A 196 0.08 -0.18 6.07
C GLU A 196 1.23 -1.16 6.26
N ASN A 197 2.22 -1.13 5.37
CA ASN A 197 3.34 -2.05 5.55
C ASN A 197 4.15 -1.69 6.81
N ILE A 198 4.18 -0.41 7.17
CA ILE A 198 4.88 0.04 8.36
C ILE A 198 4.07 -0.27 9.62
N HIS A 199 2.76 -0.40 9.48
CA HIS A 199 1.91 -0.75 10.61
C HIS A 199 2.15 -2.24 10.88
N SER A 200 2.27 -3.00 9.80
CA SER A 200 2.49 -4.42 9.94
C SER A 200 3.82 -4.70 10.63
N GLU A 201 4.79 -3.81 10.43
CA GLU A 201 6.12 -3.94 11.01
C GLU A 201 6.00 -3.63 12.49
N THR A 202 5.26 -2.57 12.80
CA THR A 202 5.06 -2.13 14.17
C THR A 202 4.44 -3.23 15.04
N TYR A 203 3.49 -3.96 14.50
CA TYR A 203 2.89 -5.02 15.28
C TYR A 203 3.88 -6.12 15.56
N SER A 204 4.62 -6.54 14.55
CA SER A 204 5.61 -7.60 14.75
C SER A 204 6.69 -7.08 15.70
N LEU A 205 7.19 -5.88 15.44
CA LEU A 205 8.20 -5.30 16.30
C LEU A 205 7.72 -5.28 17.76
N LEU A 206 6.52 -4.77 17.97
CA LEU A 206 5.93 -4.68 19.30
C LEU A 206 5.81 -6.05 19.92
N ILE A 207 5.28 -6.99 19.14
CA ILE A 207 5.13 -8.35 19.63
C ILE A 207 6.48 -8.95 19.89
N ASP A 208 7.46 -8.64 19.04
CA ASP A 208 8.79 -9.18 19.21
C ASP A 208 9.51 -8.62 20.43
N THR A 209 8.94 -7.61 21.05
CA THR A 209 9.56 -7.01 22.23
C THR A 209 8.92 -7.43 23.55
N TYR A 210 7.64 -7.74 23.53
CA TYR A 210 6.94 -8.12 24.76
C TYR A 210 6.91 -9.63 24.90
N ILE A 211 6.82 -10.32 23.76
CA ILE A 211 6.75 -11.77 23.71
C ILE A 211 7.93 -12.33 22.92
N LYS A 212 9.09 -12.38 23.57
CA LYS A 212 10.32 -12.85 22.92
C LYS A 212 10.33 -14.37 22.70
N ASP A 213 9.97 -15.12 23.75
CA ASP A 213 9.90 -16.59 23.72
C ASP A 213 9.22 -17.09 22.43
N PRO A 214 9.96 -17.81 21.57
CA PRO A 214 9.33 -18.31 20.34
C PRO A 214 8.14 -19.22 20.60
N LYS A 215 8.27 -20.10 21.57
CA LYS A 215 7.20 -21.04 21.91
C LYS A 215 5.90 -20.29 22.19
N GLU A 216 5.94 -19.37 23.16
CA GLU A 216 4.76 -18.59 23.54
C GLU A 216 4.17 -17.84 22.35
N SER A 217 5.00 -17.17 21.58
CA SER A 217 4.52 -16.43 20.42
C SER A 217 3.72 -17.38 19.51
N GLU A 218 4.04 -18.67 19.59
CA GLU A 218 3.37 -19.69 18.78
C GLU A 218 1.96 -19.94 19.33
N PHE A 219 1.89 -20.36 20.58
CA PHE A 219 0.61 -20.64 21.21
C PHE A 219 -0.29 -19.44 21.06
N LEU A 220 0.30 -18.25 21.18
CA LEU A 220 -0.42 -16.99 21.06
C LEU A 220 -1.32 -16.99 19.82
N PHE A 221 -0.73 -17.17 18.65
CA PHE A 221 -1.49 -17.17 17.40
C PHE A 221 -2.38 -18.39 17.22
N ASN A 222 -1.90 -19.58 17.62
CA ASN A 222 -2.70 -20.79 17.50
C ASN A 222 -4.00 -20.64 18.28
N ALA A 223 -3.93 -19.95 19.42
CA ALA A 223 -5.09 -19.72 20.26
C ALA A 223 -5.92 -18.58 19.71
N ILE A 224 -5.32 -17.82 18.81
CA ILE A 224 -5.97 -16.68 18.19
C ILE A 224 -6.66 -17.09 16.88
N HIS A 225 -6.32 -18.26 16.36
CA HIS A 225 -6.90 -18.75 15.11
C HIS A 225 -8.15 -19.59 15.31
N THR A 226 -8.41 -19.92 16.57
CA THR A 226 -9.57 -20.72 16.94
C THR A 226 -10.75 -19.87 17.46
N ILE A 227 -10.75 -18.57 17.13
CA ILE A 227 -11.79 -17.64 17.56
C ILE A 227 -12.92 -17.51 16.54
N PRO A 228 -14.18 -17.72 16.97
CA PRO A 228 -15.35 -17.64 16.09
C PRO A 228 -15.44 -16.36 15.27
N GLU A 229 -15.05 -15.25 15.89
CA GLU A 229 -15.10 -13.96 15.22
C GLU A 229 -14.38 -13.96 13.87
N ILE A 230 -13.28 -14.70 13.80
CA ILE A 230 -12.48 -14.82 12.58
C ILE A 230 -13.32 -15.29 11.40
N GLY A 231 -14.04 -16.40 11.60
CA GLY A 231 -14.89 -16.92 10.56
C GLY A 231 -15.99 -15.92 10.30
N GLU A 232 -16.57 -15.42 11.38
CA GLU A 232 -17.66 -14.46 11.28
C GLU A 232 -17.24 -13.27 10.44
N LYS A 233 -16.01 -12.80 10.62
CA LYS A 233 -15.55 -11.68 9.83
C LYS A 233 -15.41 -12.18 8.38
N ALA A 234 -14.87 -13.38 8.24
CA ALA A 234 -14.69 -14.00 6.93
C ALA A 234 -16.01 -14.03 6.18
N GLU A 235 -17.05 -14.58 6.81
CA GLU A 235 -18.39 -14.67 6.23
C GLU A 235 -18.90 -13.28 5.78
N TRP A 236 -18.73 -12.27 6.63
CA TRP A 236 -19.14 -10.88 6.37
C TRP A 236 -18.48 -10.38 5.08
N ALA A 237 -17.18 -10.60 4.99
CA ALA A 237 -16.41 -10.20 3.83
C ALA A 237 -17.04 -10.85 2.60
N LEU A 238 -17.04 -12.18 2.60
CA LEU A 238 -17.60 -12.96 1.50
C LEU A 238 -18.94 -12.44 1.02
N ARG A 239 -19.70 -11.90 1.96
CA ARG A 239 -21.03 -11.37 1.72
C ARG A 239 -21.00 -9.99 1.06
N TRP A 240 -20.11 -9.11 1.51
CA TRP A 240 -20.02 -7.76 0.96
C TRP A 240 -18.76 -7.41 0.17
N ILE A 241 -17.76 -8.27 0.16
CA ILE A 241 -16.57 -7.93 -0.60
C ILE A 241 -16.18 -8.93 -1.68
N GLN A 242 -15.88 -10.16 -1.28
CA GLN A 242 -15.45 -11.19 -2.22
C GLN A 242 -16.54 -11.68 -3.17
N ASP A 243 -17.78 -11.72 -2.71
CA ASP A 243 -18.88 -12.19 -3.55
C ASP A 243 -19.01 -11.37 -4.83
N ALA A 244 -18.92 -12.03 -5.98
CA ALA A 244 -19.06 -11.35 -7.25
C ALA A 244 -20.45 -10.69 -7.25
N ASP A 245 -20.77 -9.94 -8.30
CA ASP A 245 -22.07 -9.28 -8.35
C ASP A 245 -22.18 -8.39 -7.11
N ALA A 246 -21.10 -7.66 -6.83
CA ALA A 246 -21.06 -6.74 -5.70
C ALA A 246 -20.71 -5.38 -6.26
N LEU A 247 -21.33 -4.35 -5.70
CA LEU A 247 -21.11 -2.99 -6.16
C LEU A 247 -19.91 -2.31 -5.51
N PHE A 248 -19.23 -1.48 -6.29
CA PHE A 248 -18.07 -0.76 -5.83
C PHE A 248 -18.49 0.07 -4.62
N GLY A 249 -19.62 0.72 -4.75
CA GLY A 249 -20.11 1.54 -3.68
C GLY A 249 -20.31 0.76 -2.41
N GLU A 250 -20.74 -0.49 -2.54
CA GLU A 250 -20.94 -1.31 -1.35
C GLU A 250 -19.61 -1.74 -0.75
N ARG A 251 -18.62 -2.05 -1.59
CA ARG A 251 -17.33 -2.43 -1.05
C ARG A 251 -16.75 -1.26 -0.29
N LEU A 252 -16.93 -0.06 -0.82
CA LEU A 252 -16.42 1.14 -0.15
C LEU A 252 -16.87 1.19 1.31
N VAL A 253 -18.15 0.89 1.57
CA VAL A 253 -18.65 0.91 2.94
C VAL A 253 -18.03 -0.25 3.71
N ALA A 254 -17.89 -1.38 3.03
CA ALA A 254 -17.28 -2.56 3.62
C ALA A 254 -15.83 -2.27 4.01
N PHE A 255 -15.08 -1.67 3.09
CA PHE A 255 -13.69 -1.34 3.34
C PHE A 255 -13.61 -0.37 4.53
N ALA A 256 -14.35 0.73 4.47
CA ALA A 256 -14.37 1.70 5.56
C ALA A 256 -14.70 1.05 6.88
N SER A 257 -15.64 0.12 6.89
CA SER A 257 -15.99 -0.58 8.13
C SER A 257 -14.77 -1.30 8.67
N ILE A 258 -14.02 -1.93 7.76
CA ILE A 258 -12.81 -2.65 8.10
C ILE A 258 -11.79 -1.68 8.72
N GLU A 259 -11.64 -0.50 8.13
CA GLU A 259 -10.69 0.51 8.63
C GLU A 259 -11.12 1.26 9.91
N GLY A 260 -12.40 1.62 10.00
CA GLY A 260 -12.86 2.38 11.14
C GLY A 260 -13.84 1.75 12.12
N VAL A 261 -14.18 0.49 11.95
CA VAL A 261 -15.08 -0.18 12.86
C VAL A 261 -14.46 -1.46 13.40
N PHE A 262 -13.98 -2.33 12.52
CA PHE A 262 -13.42 -3.61 12.96
C PHE A 262 -12.27 -3.62 13.95
N PHE A 263 -11.65 -2.48 14.26
CA PHE A 263 -10.56 -2.54 15.26
C PHE A 263 -10.66 -1.43 16.29
N SER A 264 -11.69 -0.60 16.11
CA SER A 264 -11.99 0.54 16.96
C SER A 264 -11.90 0.19 18.45
N GLY A 265 -12.29 -1.03 18.81
CA GLY A 265 -12.24 -1.44 20.20
C GLY A 265 -10.81 -1.65 20.68
N SER A 266 -9.98 -2.23 19.82
CA SER A 266 -8.59 -2.45 20.15
C SER A 266 -7.92 -1.09 20.40
N PHE A 267 -8.02 -0.20 19.43
CA PHE A 267 -7.44 1.14 19.55
C PHE A 267 -7.92 1.78 20.84
N ALA A 268 -9.19 1.58 21.15
CA ALA A 268 -9.78 2.15 22.35
C ALA A 268 -9.15 1.52 23.56
N SER A 269 -9.14 0.19 23.58
CA SER A 269 -8.55 -0.48 24.72
C SER A 269 -7.10 -0.08 24.93
N ILE A 270 -6.40 0.42 23.93
CA ILE A 270 -5.01 0.78 24.19
C ILE A 270 -4.84 2.21 24.72
N PHE A 271 -5.72 3.13 24.34
CA PHE A 271 -5.60 4.47 24.89
C PHE A 271 -5.91 4.38 26.38
N TRP A 272 -6.63 3.32 26.75
CA TRP A 272 -6.99 3.11 28.14
C TRP A 272 -5.74 2.92 28.98
N LEU A 273 -4.68 2.47 28.33
CA LEU A 273 -3.41 2.26 29.00
C LEU A 273 -2.66 3.60 29.09
N LYS A 274 -2.87 4.47 28.12
CA LYS A 274 -2.21 5.77 28.12
C LYS A 274 -2.67 6.51 29.37
N LYS A 275 -3.92 6.24 29.75
CA LYS A 275 -4.51 6.86 30.93
C LYS A 275 -3.70 6.44 32.16
N ARG A 276 -3.69 5.14 32.44
CA ARG A 276 -2.97 4.63 33.60
C ARG A 276 -1.46 4.90 33.51
N GLY A 277 -1.07 5.59 32.45
CA GLY A 277 0.32 5.94 32.25
C GLY A 277 1.29 4.79 32.05
N MET A 278 1.00 3.90 31.11
CA MET A 278 1.90 2.78 30.83
C MET A 278 2.11 2.48 29.34
N MET A 279 3.13 1.67 29.07
CA MET A 279 3.47 1.26 27.72
C MET A 279 3.53 2.46 26.76
N PRO A 280 4.35 3.47 27.06
CA PRO A 280 4.40 4.60 26.14
C PRO A 280 4.90 4.22 24.74
N GLY A 281 5.58 3.08 24.66
CA GLY A 281 6.07 2.61 23.38
C GLY A 281 4.88 2.19 22.56
N LEU A 282 3.97 1.45 23.20
CA LEU A 282 2.75 0.97 22.58
C LEU A 282 1.75 2.09 22.33
N THR A 283 1.43 2.87 23.36
CA THR A 283 0.44 3.92 23.19
C THR A 283 0.87 4.98 22.19
N PHE A 284 2.17 5.11 21.95
CA PHE A 284 2.65 6.10 20.97
C PHE A 284 2.33 5.53 19.58
N SER A 285 2.79 4.31 19.33
CA SER A 285 2.54 3.66 18.05
C SER A 285 1.02 3.55 17.79
N ASN A 286 0.26 3.19 18.82
CA ASN A 286 -1.19 3.02 18.67
C ASN A 286 -1.88 4.29 18.29
N GLU A 287 -1.38 5.40 18.80
CA GLU A 287 -1.94 6.71 18.52
C GLU A 287 -1.71 7.04 17.04
N LEU A 288 -0.50 6.77 16.56
CA LEU A 288 -0.15 7.03 15.17
C LEU A 288 -0.93 6.17 14.21
N ILE A 289 -1.14 4.89 14.55
CA ILE A 289 -1.84 3.98 13.66
C ILE A 289 -3.33 4.27 13.61
N CYS A 290 -3.88 4.66 14.75
CA CYS A 290 -5.29 4.99 14.85
C CYS A 290 -5.53 6.22 13.96
N ARG A 291 -4.62 7.20 14.05
CA ARG A 291 -4.78 8.39 13.23
C ARG A 291 -4.85 7.95 11.78
N ASP A 292 -3.90 7.08 11.42
CA ASP A 292 -3.77 6.55 10.08
C ASP A 292 -5.06 5.87 9.63
N GLU A 293 -5.61 5.00 10.47
CA GLU A 293 -6.81 4.30 10.07
C GLU A 293 -7.96 5.29 9.98
N GLY A 294 -8.04 6.21 10.94
CA GLY A 294 -9.10 7.18 10.85
C GLY A 294 -9.04 7.83 9.48
N LEU A 295 -7.85 8.24 9.07
CA LEU A 295 -7.68 8.91 7.80
C LEU A 295 -8.17 8.05 6.61
N HIS A 296 -7.79 6.77 6.58
CA HIS A 296 -8.19 5.89 5.48
C HIS A 296 -9.69 5.72 5.37
N THR A 297 -10.35 5.80 6.51
CA THR A 297 -11.79 5.68 6.57
C THR A 297 -12.34 6.93 5.92
N ASP A 298 -11.94 8.06 6.47
CA ASP A 298 -12.38 9.33 5.95
C ASP A 298 -12.26 9.35 4.44
N PHE A 299 -11.19 8.76 3.94
CA PHE A 299 -10.95 8.73 2.51
C PHE A 299 -12.01 7.90 1.81
N ALA A 300 -12.42 6.81 2.44
CA ALA A 300 -13.44 5.98 1.83
C ALA A 300 -14.69 6.85 1.66
N CYS A 301 -15.12 7.48 2.74
CA CYS A 301 -16.29 8.35 2.70
C CYS A 301 -16.20 9.43 1.62
N LEU A 302 -15.00 9.98 1.39
CA LEU A 302 -14.80 11.01 0.37
C LEU A 302 -15.07 10.49 -1.04
N LEU A 303 -14.59 9.29 -1.34
CA LEU A 303 -14.81 8.71 -2.66
C LEU A 303 -16.29 8.43 -2.84
N PHE A 304 -16.89 7.90 -1.78
CA PHE A 304 -18.29 7.57 -1.77
C PHE A 304 -19.10 8.78 -2.23
N ALA A 305 -18.80 9.94 -1.66
CA ALA A 305 -19.52 11.16 -1.99
C ALA A 305 -19.50 11.52 -3.48
N HIS A 306 -18.47 11.06 -4.20
CA HIS A 306 -18.34 11.33 -5.63
C HIS A 306 -19.06 10.33 -6.52
N LEU A 307 -19.71 9.34 -5.91
CA LEU A 307 -20.42 8.33 -6.68
C LEU A 307 -21.82 8.84 -7.08
N LYS A 308 -22.13 8.81 -8.37
CA LYS A 308 -23.45 9.27 -8.84
C LYS A 308 -24.58 8.39 -8.30
N ASN A 309 -24.48 7.07 -8.42
CA ASN A 309 -25.49 6.15 -7.90
C ASN A 309 -24.90 5.53 -6.63
N LYS A 310 -25.47 5.87 -5.47
CA LYS A 310 -24.98 5.36 -4.18
C LYS A 310 -25.82 4.22 -3.61
N PRO A 311 -25.18 3.27 -2.89
CA PRO A 311 -25.89 2.13 -2.31
C PRO A 311 -27.07 2.53 -1.41
N ASP A 312 -28.17 1.77 -1.51
CA ASP A 312 -29.35 2.02 -0.69
C ASP A 312 -28.87 2.24 0.72
N PRO A 313 -29.38 3.29 1.41
CA PRO A 313 -28.94 3.52 2.77
C PRO A 313 -29.21 2.29 3.64
N ALA A 314 -30.19 1.50 3.24
CA ALA A 314 -30.52 0.28 3.97
C ALA A 314 -29.33 -0.66 3.94
N ILE A 315 -28.69 -0.76 2.79
CA ILE A 315 -27.53 -1.63 2.65
C ILE A 315 -26.30 -1.07 3.38
N VAL A 316 -26.11 0.24 3.31
CA VAL A 316 -24.97 0.86 3.97
C VAL A 316 -25.07 0.61 5.47
N GLU A 317 -26.28 0.65 6.01
CA GLU A 317 -26.50 0.42 7.43
C GLU A 317 -26.34 -1.03 7.79
N LYS A 318 -26.78 -1.92 6.90
CA LYS A 318 -26.69 -3.35 7.16
C LYS A 318 -25.24 -3.83 7.14
N ILE A 319 -24.38 -3.14 6.40
CA ILE A 319 -22.97 -3.50 6.33
C ILE A 319 -22.25 -3.02 7.60
N VAL A 320 -22.39 -1.75 7.92
CA VAL A 320 -21.76 -1.19 9.10
C VAL A 320 -22.24 -1.90 10.38
N THR A 321 -23.55 -2.08 10.50
CA THR A 321 -24.17 -2.73 11.65
C THR A 321 -23.66 -4.15 11.93
N GLU A 322 -23.53 -4.97 10.88
CA GLU A 322 -23.03 -6.34 11.04
C GLU A 322 -21.58 -6.33 11.51
N ALA A 323 -20.84 -5.33 11.07
CA ALA A 323 -19.44 -5.16 11.45
C ALA A 323 -19.39 -4.96 12.95
N VAL A 324 -20.20 -4.01 13.40
CA VAL A 324 -20.31 -3.64 14.79
C VAL A 324 -20.65 -4.84 15.68
N GLU A 325 -21.41 -5.77 15.14
CA GLU A 325 -21.81 -6.94 15.90
C GLU A 325 -20.68 -7.92 16.05
N ILE A 326 -19.87 -8.03 15.00
CA ILE A 326 -18.73 -8.93 15.02
C ILE A 326 -17.68 -8.34 15.95
N GLU A 327 -17.51 -7.02 15.88
CA GLU A 327 -16.54 -6.31 16.72
C GLU A 327 -16.86 -6.48 18.19
N GLN A 328 -18.12 -6.22 18.55
CA GLN A 328 -18.53 -6.32 19.93
C GLN A 328 -18.23 -7.74 20.36
N ARG A 329 -18.74 -8.69 19.58
CA ARG A 329 -18.55 -10.08 19.92
C ARG A 329 -17.12 -10.39 20.33
N TYR A 330 -16.14 -9.78 19.67
CA TYR A 330 -14.75 -10.01 20.04
C TYR A 330 -14.54 -9.78 21.52
N PHE A 331 -15.01 -8.64 22.01
CA PHE A 331 -14.84 -8.30 23.41
C PHE A 331 -15.88 -8.85 24.36
N LEU A 332 -16.86 -9.57 23.85
CA LEU A 332 -17.85 -10.14 24.75
C LEU A 332 -17.61 -11.64 24.82
N ASP A 333 -16.96 -12.17 23.80
CA ASP A 333 -16.63 -13.59 23.71
C ASP A 333 -15.13 -13.83 23.89
N ALA A 334 -14.33 -13.38 22.92
CA ALA A 334 -12.90 -13.56 22.95
C ALA A 334 -12.15 -12.87 24.10
N LEU A 335 -11.90 -11.57 23.97
CA LEU A 335 -11.18 -10.81 24.99
C LEU A 335 -12.01 -9.81 25.78
N PRO A 336 -12.39 -10.16 27.01
CA PRO A 336 -13.19 -9.30 27.87
C PRO A 336 -12.41 -8.08 28.32
N VAL A 337 -12.94 -6.89 28.04
CA VAL A 337 -12.29 -5.65 28.42
C VAL A 337 -12.09 -5.57 29.95
N ALA A 338 -12.83 -6.39 30.69
CA ALA A 338 -12.70 -6.42 32.15
C ALA A 338 -11.28 -6.82 32.50
N LEU A 339 -10.65 -7.61 31.61
CA LEU A 339 -9.28 -8.07 31.80
C LEU A 339 -8.32 -6.91 32.04
N LEU A 340 -8.69 -5.70 31.65
CA LEU A 340 -7.80 -4.59 31.93
C LEU A 340 -8.54 -3.43 32.57
N GLY A 341 -9.56 -3.78 33.37
CA GLY A 341 -10.34 -2.80 34.09
C GLY A 341 -11.38 -1.99 33.34
N MET A 342 -11.70 -2.40 32.11
CA MET A 342 -12.71 -1.69 31.30
C MET A 342 -14.12 -2.30 31.50
N ASN A 343 -15.15 -1.51 31.17
CA ASN A 343 -16.54 -1.95 31.34
C ASN A 343 -17.13 -2.42 30.03
N ALA A 344 -17.45 -3.72 29.95
CA ALA A 344 -18.03 -4.31 28.76
C ALA A 344 -19.04 -3.39 28.11
N ASP A 345 -20.06 -3.00 28.87
CA ASP A 345 -21.10 -2.14 28.37
C ASP A 345 -20.64 -0.84 27.74
N LEU A 346 -19.66 -0.18 28.34
CA LEU A 346 -19.19 1.06 27.76
C LEU A 346 -18.44 0.82 26.43
N MET A 347 -17.82 -0.35 26.28
CA MET A 347 -17.09 -0.68 25.06
C MET A 347 -18.08 -0.79 23.89
N ASN A 348 -19.12 -1.59 24.09
CA ASN A 348 -20.14 -1.76 23.07
C ASN A 348 -20.54 -0.36 22.58
N GLN A 349 -20.91 0.48 23.53
CA GLN A 349 -21.32 1.83 23.23
C GLN A 349 -20.32 2.55 22.34
N TYR A 350 -19.05 2.41 22.67
CA TYR A 350 -18.00 3.07 21.91
C TYR A 350 -17.99 2.63 20.46
N VAL A 351 -18.11 1.32 20.26
CA VAL A 351 -18.14 0.74 18.93
C VAL A 351 -19.34 1.26 18.18
N GLU A 352 -20.51 1.20 18.84
CA GLU A 352 -21.74 1.68 18.24
C GLU A 352 -21.66 3.16 17.89
N PHE A 353 -20.89 3.88 18.70
CA PHE A 353 -20.69 5.31 18.48
C PHE A 353 -19.88 5.53 17.22
N VAL A 354 -18.79 4.78 17.11
CA VAL A 354 -17.90 4.85 15.96
C VAL A 354 -18.60 4.50 14.66
N ALA A 355 -19.55 3.58 14.73
CA ALA A 355 -20.28 3.17 13.55
C ALA A 355 -21.22 4.30 13.13
N ASP A 356 -21.99 4.80 14.09
CA ASP A 356 -22.93 5.90 13.82
C ASP A 356 -22.14 7.05 13.22
N ARG A 357 -20.96 7.31 13.76
CA ARG A 357 -20.17 8.43 13.25
C ARG A 357 -19.80 8.16 11.79
N LEU A 358 -19.65 6.87 11.47
CA LEU A 358 -19.31 6.43 10.11
C LEU A 358 -20.53 6.51 9.23
N LEU A 359 -21.62 5.92 9.71
CA LEU A 359 -22.90 5.94 9.02
C LEU A 359 -23.21 7.37 8.60
N VAL A 360 -23.01 8.31 9.52
CA VAL A 360 -23.28 9.69 9.21
C VAL A 360 -22.32 10.24 8.14
N ALA A 361 -21.06 9.83 8.17
CA ALA A 361 -20.10 10.31 7.16
C ALA A 361 -20.37 9.69 5.80
N PHE A 362 -21.46 8.93 5.68
CA PHE A 362 -21.85 8.31 4.43
C PHE A 362 -23.18 8.86 3.97
N GLY A 363 -23.77 9.74 4.78
CA GLY A 363 -25.05 10.31 4.40
C GLY A 363 -26.20 9.64 5.12
N ASN A 364 -25.94 8.49 5.76
CA ASN A 364 -26.99 7.80 6.49
C ASN A 364 -27.25 8.56 7.79
N LYS A 365 -28.22 8.07 8.54
CA LYS A 365 -28.57 8.66 9.82
C LYS A 365 -28.16 7.68 10.89
N LYS A 366 -27.86 8.21 12.08
CA LYS A 366 -27.47 7.36 13.19
C LYS A 366 -28.38 6.16 13.32
N TYR A 367 -27.91 5.14 14.01
CA TYR A 367 -28.70 3.94 14.21
C TYR A 367 -28.74 3.55 15.68
N TYR A 368 -27.64 3.78 16.38
CA TYR A 368 -27.59 3.46 17.80
C TYR A 368 -27.88 4.73 18.58
N LYS A 369 -27.52 5.85 17.95
CA LYS A 369 -27.71 7.19 18.50
C LYS A 369 -27.04 7.38 19.85
N VAL A 370 -26.15 6.46 20.23
CA VAL A 370 -25.49 6.58 21.53
C VAL A 370 -24.45 7.70 21.52
N GLU A 371 -23.83 7.93 22.67
CA GLU A 371 -22.81 8.96 22.79
C GLU A 371 -21.45 8.34 23.09
N ASN A 372 -20.39 9.06 22.77
CA ASN A 372 -19.06 8.54 23.04
C ASN A 372 -18.86 8.33 24.55
N PRO A 373 -18.74 7.08 24.99
CA PRO A 373 -18.55 6.83 26.42
C PRO A 373 -17.16 7.15 26.97
N PHE A 374 -16.15 6.99 26.12
CA PHE A 374 -14.78 7.21 26.54
C PHE A 374 -14.30 8.63 26.26
N ASP A 375 -14.13 9.42 27.31
CA ASP A 375 -13.67 10.80 27.15
C ASP A 375 -12.27 10.85 26.55
N PHE A 376 -11.42 9.90 26.92
CA PHE A 376 -10.06 9.87 26.40
C PHE A 376 -10.00 9.64 24.88
N MET A 377 -11.08 9.14 24.30
CA MET A 377 -11.11 8.92 22.86
C MET A 377 -11.61 10.18 22.18
N GLU A 378 -11.68 11.27 22.95
CA GLU A 378 -12.13 12.55 22.40
C GLU A 378 -11.13 12.94 21.32
N ASN A 379 -9.87 12.63 21.59
CA ASN A 379 -8.76 12.89 20.68
C ASN A 379 -8.52 14.40 20.49
N PHE B 11 20.35 -22.38 -26.54
CA PHE B 11 19.82 -22.46 -25.14
C PHE B 11 18.29 -22.52 -25.11
N GLN B 12 17.74 -23.52 -25.79
CA GLN B 12 16.29 -23.68 -25.84
C GLN B 12 15.89 -24.71 -24.77
N LYS B 13 16.45 -25.91 -24.92
CA LYS B 13 16.21 -27.03 -24.01
C LYS B 13 16.37 -26.65 -22.54
N GLU B 14 17.52 -26.08 -22.20
CA GLU B 14 17.81 -25.67 -20.82
C GLU B 14 16.78 -24.70 -20.22
N ARG B 15 16.20 -23.85 -21.06
CA ARG B 15 15.19 -22.93 -20.56
C ARG B 15 14.02 -23.75 -20.03
N HIS B 16 13.77 -24.91 -20.64
CA HIS B 16 12.69 -25.80 -20.20
C HIS B 16 12.95 -26.32 -18.77
N ASP B 17 14.22 -26.55 -18.45
CA ASP B 17 14.61 -27.05 -17.13
C ASP B 17 14.46 -25.98 -16.06
N MET B 18 14.88 -24.76 -16.38
CA MET B 18 14.78 -23.65 -15.44
C MET B 18 13.30 -23.45 -15.08
N LYS B 19 12.43 -23.59 -16.08
CA LYS B 19 10.99 -23.45 -15.87
C LYS B 19 10.51 -24.43 -14.80
N GLU B 20 11.08 -25.64 -14.80
CA GLU B 20 10.66 -26.64 -13.82
C GLU B 20 11.41 -26.44 -12.52
N ALA B 21 12.55 -25.76 -12.61
CA ALA B 21 13.37 -25.50 -11.45
C ALA B 21 12.87 -24.32 -10.63
N GLU B 22 12.26 -23.33 -11.28
CA GLU B 22 11.77 -22.18 -10.55
C GLU B 22 10.92 -22.57 -9.33
N LYS B 23 10.68 -23.86 -9.14
CA LYS B 23 9.86 -24.29 -8.01
C LYS B 23 10.69 -24.43 -6.74
N ASP B 24 11.99 -24.70 -6.90
CA ASP B 24 12.87 -24.85 -5.76
C ASP B 24 13.30 -23.48 -5.27
N GLU B 25 12.99 -22.43 -6.03
CA GLU B 25 13.38 -21.08 -5.62
C GLU B 25 12.56 -20.66 -4.39
N ILE B 26 13.23 -20.62 -3.25
CA ILE B 26 12.62 -20.24 -1.98
C ILE B 26 12.06 -18.82 -2.07
N LEU B 27 12.67 -18.04 -2.96
CA LEU B 27 12.29 -16.66 -3.22
C LEU B 27 10.87 -16.59 -3.78
N LEU B 28 10.62 -17.40 -4.80
CA LEU B 28 9.33 -17.45 -5.45
C LEU B 28 8.41 -18.39 -4.72
N MET B 29 9.00 -19.17 -3.82
CA MET B 29 8.26 -20.15 -3.04
C MET B 29 7.45 -19.50 -1.94
N GLU B 30 6.70 -20.33 -1.24
CA GLU B 30 5.85 -19.88 -0.14
C GLU B 30 6.67 -19.51 1.08
N ASN B 31 6.02 -18.80 2.00
CA ASN B 31 6.63 -18.35 3.26
C ASN B 31 5.57 -18.55 4.35
N SER B 32 4.43 -19.11 3.95
CA SER B 32 3.30 -19.38 4.84
C SER B 32 3.69 -19.71 6.28
N ARG B 33 2.73 -19.51 7.20
CA ARG B 33 2.90 -19.77 8.62
C ARG B 33 3.74 -18.76 9.41
N ARG B 34 4.35 -17.80 8.74
CA ARG B 34 5.15 -16.79 9.44
C ARG B 34 4.29 -15.58 9.83
N PHE B 35 3.63 -15.69 10.98
CA PHE B 35 2.75 -14.62 11.46
C PHE B 35 3.53 -13.38 11.83
N VAL B 36 4.38 -13.53 12.83
CA VAL B 36 5.22 -12.43 13.27
C VAL B 36 6.28 -12.36 12.18
N MET B 37 6.74 -11.17 11.85
CA MET B 37 7.72 -11.07 10.80
C MET B 37 9.06 -10.55 11.24
N PHE B 38 9.19 -10.14 12.49
CA PHE B 38 10.46 -9.59 12.84
C PHE B 38 11.64 -10.49 12.92
N PRO B 39 11.42 -11.78 13.19
CA PRO B 39 12.72 -12.47 13.16
C PRO B 39 12.95 -12.52 11.63
N ILE B 40 13.64 -11.51 11.09
CA ILE B 40 13.87 -11.40 9.65
C ILE B 40 14.56 -12.58 8.96
N LYS B 41 13.94 -13.07 7.89
CA LYS B 41 14.50 -14.18 7.13
C LYS B 41 15.29 -13.71 5.92
N TYR B 42 14.96 -12.53 5.41
CA TYR B 42 15.66 -11.97 4.24
C TYR B 42 16.36 -10.66 4.57
N HIS B 43 17.48 -10.80 5.31
CA HIS B 43 18.27 -9.65 5.76
C HIS B 43 18.66 -8.69 4.66
N GLU B 44 19.09 -9.24 3.54
CA GLU B 44 19.53 -8.47 2.39
C GLU B 44 18.45 -7.56 1.81
N ILE B 45 17.31 -8.12 1.38
CA ILE B 45 16.28 -7.26 0.82
C ILE B 45 15.73 -6.31 1.87
N TRP B 46 15.71 -6.74 3.14
CA TRP B 46 15.20 -5.89 4.24
C TRP B 46 16.08 -4.65 4.40
N ALA B 47 17.40 -4.84 4.38
CA ALA B 47 18.33 -3.73 4.52
C ALA B 47 18.15 -2.85 3.28
N ALA B 48 17.78 -3.45 2.16
CA ALA B 48 17.55 -2.66 0.96
C ALA B 48 16.32 -1.78 1.18
N TYR B 49 15.28 -2.37 1.77
CA TYR B 49 14.05 -1.63 2.05
C TYR B 49 14.32 -0.49 3.05
N LYS B 50 15.05 -0.79 4.12
CA LYS B 50 15.36 0.24 5.12
C LYS B 50 16.13 1.40 4.50
N LYS B 51 16.99 1.07 3.56
CA LYS B 51 17.79 2.08 2.90
C LYS B 51 16.95 3.04 2.06
N VAL B 52 15.96 2.54 1.33
CA VAL B 52 15.15 3.47 0.54
C VAL B 52 14.14 4.16 1.45
N GLU B 53 13.72 3.49 2.52
CA GLU B 53 12.77 4.08 3.47
C GLU B 53 13.39 5.32 4.13
N ALA B 54 14.69 5.26 4.40
CA ALA B 54 15.39 6.39 5.03
C ALA B 54 15.54 7.59 4.10
N SER B 55 15.53 7.36 2.79
CA SER B 55 15.69 8.45 1.83
C SER B 55 14.39 9.10 1.40
N PHE B 56 13.27 8.66 1.97
CA PHE B 56 11.98 9.22 1.63
C PHE B 56 11.97 10.76 1.52
N TRP B 57 11.59 11.28 0.34
CA TRP B 57 11.52 12.72 0.12
C TRP B 57 10.23 13.02 -0.64
N THR B 58 9.86 14.29 -0.69
CA THR B 58 8.63 14.68 -1.38
C THR B 58 8.82 15.87 -2.32
N ALA B 59 7.81 16.16 -3.12
CA ALA B 59 7.88 17.29 -4.05
C ALA B 59 8.05 18.61 -3.25
N GLU B 60 7.33 18.71 -2.13
CA GLU B 60 7.41 19.89 -1.29
C GLU B 60 8.84 20.21 -0.86
N GLU B 61 9.65 19.17 -0.66
CA GLU B 61 11.04 19.36 -0.25
C GLU B 61 11.89 19.89 -1.38
N ILE B 62 11.24 20.21 -2.50
CA ILE B 62 11.90 20.74 -3.68
C ILE B 62 11.41 22.13 -4.00
N GLU B 63 12.36 23.04 -4.23
CA GLU B 63 12.04 24.43 -4.57
C GLU B 63 12.27 24.74 -6.06
N LEU B 64 11.20 25.06 -6.77
CA LEU B 64 11.32 25.40 -8.18
C LEU B 64 11.23 26.91 -8.33
N ALA B 65 10.81 27.57 -7.26
CA ALA B 65 10.70 29.02 -7.30
C ALA B 65 12.13 29.47 -7.46
N LYS B 66 12.32 30.62 -8.09
CA LYS B 66 13.67 31.12 -8.28
C LYS B 66 14.57 30.04 -8.87
N ASP B 67 13.96 29.17 -9.66
CA ASP B 67 14.65 28.08 -10.34
C ASP B 67 14.14 28.16 -11.78
N THR B 68 12.99 28.81 -11.93
CA THR B 68 12.32 29.01 -13.22
C THR B 68 12.94 30.20 -13.92
N GLU B 69 13.79 30.92 -13.20
CA GLU B 69 14.47 32.09 -13.76
C GLU B 69 15.42 31.58 -14.82
N ASP B 70 16.21 30.59 -14.44
CA ASP B 70 17.21 30.01 -15.32
C ASP B 70 16.66 29.10 -16.41
N PHE B 71 15.33 29.03 -16.53
CA PHE B 71 14.70 28.20 -17.55
C PHE B 71 14.49 29.03 -18.82
N GLN B 72 13.72 30.11 -18.70
CA GLN B 72 13.43 30.98 -19.83
C GLN B 72 14.68 31.67 -20.38
N LYS B 73 15.82 31.44 -19.72
CA LYS B 73 17.09 32.02 -20.16
C LYS B 73 17.86 31.02 -21.02
N LEU B 74 17.34 29.80 -21.11
CA LEU B 74 17.96 28.72 -21.89
C LEU B 74 17.79 28.96 -23.38
N THR B 75 18.54 28.23 -24.21
CA THR B 75 18.44 28.41 -25.65
C THR B 75 17.01 28.10 -26.09
N ASP B 76 16.58 28.74 -27.18
CA ASP B 76 15.23 28.56 -27.69
C ASP B 76 14.82 27.08 -27.81
N ASP B 77 15.79 26.23 -28.16
CA ASP B 77 15.49 24.82 -28.29
C ASP B 77 15.72 23.99 -27.03
N GLN B 78 16.62 24.45 -26.15
CA GLN B 78 16.90 23.75 -24.90
C GLN B 78 15.61 23.66 -24.10
N LYS B 79 14.67 24.55 -24.39
CA LYS B 79 13.39 24.58 -23.72
C LYS B 79 12.51 23.48 -24.30
N THR B 80 12.72 23.18 -25.57
CA THR B 80 11.96 22.16 -26.26
C THR B 80 12.40 20.79 -25.74
N TYR B 81 13.69 20.65 -25.45
CA TYR B 81 14.26 19.41 -24.94
C TYR B 81 13.55 18.99 -23.66
N ILE B 82 13.83 19.75 -22.61
CA ILE B 82 13.24 19.53 -21.30
C ILE B 82 11.76 19.22 -21.46
N GLY B 83 11.12 19.89 -22.42
CA GLY B 83 9.71 19.66 -22.66
C GLY B 83 9.40 18.19 -22.82
N ASN B 84 10.01 17.54 -23.81
CA ASN B 84 9.78 16.11 -24.04
C ASN B 84 10.29 15.29 -22.86
N LEU B 85 11.48 15.63 -22.37
CA LEU B 85 12.12 14.97 -21.23
C LEU B 85 11.11 14.77 -20.11
N LEU B 86 10.38 15.83 -19.79
CA LEU B 86 9.38 15.76 -18.75
C LEU B 86 8.18 15.01 -19.32
N ALA B 87 7.71 15.46 -20.48
CA ALA B 87 6.56 14.87 -21.15
C ALA B 87 6.65 13.35 -21.27
N LEU B 88 7.86 12.82 -21.40
CA LEU B 88 8.00 11.38 -21.50
C LEU B 88 7.69 10.79 -20.12
N SER B 89 8.60 11.04 -19.19
CA SER B 89 8.51 10.57 -17.81
C SER B 89 7.12 10.77 -17.18
N ILE B 90 6.56 11.95 -17.39
CA ILE B 90 5.26 12.31 -16.84
C ILE B 90 4.15 11.60 -17.61
N LEU B 100 3.58 -2.70 -13.58
CA LEU B 100 4.17 -4.02 -13.63
C LEU B 100 4.90 -4.32 -12.33
N ILE B 101 5.35 -3.27 -11.64
CA ILE B 101 6.02 -3.39 -10.35
C ILE B 101 5.14 -4.26 -9.45
N GLU B 102 3.84 -4.21 -9.69
CA GLU B 102 2.87 -5.00 -8.94
C GLU B 102 3.03 -6.51 -9.21
N ASN B 103 3.31 -6.85 -10.47
CA ASN B 103 3.46 -8.25 -10.83
C ASN B 103 4.70 -8.84 -10.21
N PHE B 104 5.80 -8.08 -10.25
CA PHE B 104 7.02 -8.57 -9.65
C PHE B 104 6.80 -8.76 -8.15
N SER B 105 6.12 -7.81 -7.55
CA SER B 105 5.84 -7.84 -6.12
C SER B 105 4.96 -9.03 -5.74
N ALA B 106 4.09 -9.43 -6.67
CA ALA B 106 3.18 -10.53 -6.45
C ALA B 106 3.91 -11.88 -6.52
N GLN B 107 5.04 -11.89 -7.20
CA GLN B 107 5.81 -13.11 -7.34
C GLN B 107 6.79 -13.33 -6.19
N LEU B 108 7.26 -12.23 -5.61
CA LEU B 108 8.20 -12.27 -4.50
C LEU B 108 7.43 -12.54 -3.20
N GLN B 109 7.41 -13.80 -2.77
CA GLN B 109 6.65 -14.20 -1.58
C GLN B 109 7.21 -13.95 -0.18
N ASN B 110 7.31 -12.69 0.25
CA ASN B 110 7.76 -12.37 1.59
C ASN B 110 7.55 -10.90 1.94
N PRO B 111 7.34 -10.62 3.25
CA PRO B 111 7.10 -9.26 3.77
C PRO B 111 8.24 -8.32 3.45
N GLU B 112 9.46 -8.83 3.50
CA GLU B 112 10.62 -8.00 3.22
C GLU B 112 10.51 -7.42 1.80
N GLY B 113 10.45 -8.29 0.79
CA GLY B 113 10.34 -7.83 -0.60
C GLY B 113 9.13 -6.97 -0.94
N LYS B 114 7.95 -7.39 -0.50
CA LYS B 114 6.76 -6.60 -0.80
C LYS B 114 6.81 -5.23 -0.16
N SER B 115 7.53 -5.11 0.95
CA SER B 115 7.64 -3.80 1.58
C SER B 115 8.47 -2.89 0.67
N PHE B 116 9.55 -3.44 0.12
CA PHE B 116 10.42 -2.65 -0.74
C PHE B 116 9.62 -2.18 -1.96
N TYR B 117 8.85 -3.09 -2.55
CA TYR B 117 8.06 -2.79 -3.73
C TYR B 117 6.95 -1.78 -3.47
N GLY B 118 6.25 -1.93 -2.35
CA GLY B 118 5.20 -0.99 -2.01
C GLY B 118 5.77 0.41 -1.88
N PHE B 119 7.04 0.49 -1.47
CA PHE B 119 7.70 1.77 -1.29
C PHE B 119 8.07 2.35 -2.63
N GLN B 120 8.58 1.49 -3.50
CA GLN B 120 8.97 1.92 -4.82
C GLN B 120 7.80 2.52 -5.59
N ILE B 121 6.68 1.80 -5.72
CA ILE B 121 5.57 2.43 -6.45
C ILE B 121 5.13 3.68 -5.73
N MET B 122 5.23 3.71 -4.41
CA MET B 122 4.81 4.89 -3.66
C MET B 122 5.64 6.12 -4.08
N MET B 123 6.96 5.93 -4.18
CA MET B 123 7.88 7.00 -4.59
C MET B 123 7.68 7.40 -6.05
N GLU B 124 7.27 6.46 -6.89
CA GLU B 124 7.07 6.73 -8.31
C GLU B 124 6.02 7.79 -8.52
N ASN B 125 5.01 7.80 -7.66
CA ASN B 125 3.94 8.78 -7.75
C ASN B 125 4.42 10.16 -7.39
N ILE B 126 5.40 10.24 -6.50
CA ILE B 126 5.96 11.52 -6.09
C ILE B 126 6.80 12.04 -7.29
N TYR B 127 7.48 11.14 -8.00
CA TYR B 127 8.28 11.55 -9.15
C TYR B 127 7.29 12.10 -10.18
N SER B 128 6.21 11.36 -10.41
CA SER B 128 5.21 11.76 -11.37
C SER B 128 4.63 13.14 -11.02
N GLU B 129 4.71 13.52 -9.75
CA GLU B 129 4.21 14.82 -9.32
C GLU B 129 5.26 15.90 -9.53
N VAL B 130 6.47 15.67 -8.99
CA VAL B 130 7.51 16.66 -9.16
C VAL B 130 7.67 16.97 -10.65
N TYR B 131 7.71 15.92 -11.49
CA TYR B 131 7.86 16.14 -12.93
C TYR B 131 6.78 17.10 -13.39
N SER B 132 5.54 16.78 -13.05
CA SER B 132 4.42 17.63 -13.46
C SER B 132 4.63 19.08 -13.02
N MET B 133 4.99 19.29 -11.76
CA MET B 133 5.23 20.63 -11.24
C MET B 133 6.15 21.44 -12.14
N MET B 134 7.18 20.77 -12.68
CA MET B 134 8.12 21.45 -13.57
C MET B 134 7.40 21.85 -14.85
N VAL B 135 6.66 20.90 -15.40
CA VAL B 135 5.88 21.13 -16.60
C VAL B 135 4.95 22.34 -16.36
N ASP B 136 4.53 22.53 -15.11
CA ASP B 136 3.62 23.62 -14.75
C ASP B 136 4.34 24.96 -14.49
N ALA B 137 5.36 24.96 -13.65
CA ALA B 137 6.08 26.18 -13.32
C ALA B 137 6.90 26.70 -14.50
N PHE B 138 7.22 25.81 -15.42
CA PHE B 138 8.02 26.18 -16.56
C PHE B 138 7.21 26.50 -17.80
N PHE B 139 6.56 25.48 -18.36
CA PHE B 139 5.77 25.65 -19.56
C PHE B 139 4.35 26.11 -19.29
N LYS B 140 4.20 26.96 -18.29
CA LYS B 140 2.91 27.52 -17.91
C LYS B 140 1.85 26.44 -17.69
N ASP B 141 0.79 26.81 -16.96
CA ASP B 141 -0.30 25.89 -16.67
C ASP B 141 -0.70 25.09 -17.92
N PRO B 142 -0.95 25.79 -19.05
CA PRO B 142 -1.34 25.05 -20.24
C PRO B 142 -0.31 24.03 -20.72
N LYS B 143 -0.78 22.82 -20.99
CA LYS B 143 0.04 21.73 -21.49
C LYS B 143 0.15 21.94 -22.98
N ASN B 144 -0.27 23.12 -23.43
CA ASN B 144 -0.24 23.48 -24.84
C ASN B 144 1.19 23.51 -25.36
N ILE B 145 2.11 24.09 -24.60
CA ILE B 145 3.48 24.16 -25.04
C ILE B 145 4.10 22.76 -25.26
N PRO B 146 3.82 21.81 -24.34
CA PRO B 146 4.39 20.46 -24.53
C PRO B 146 3.86 19.81 -25.80
N LEU B 147 4.73 19.75 -26.81
CA LEU B 147 4.37 19.17 -28.10
C LEU B 147 4.10 17.68 -28.02
N PHE B 148 5.14 16.88 -27.77
CA PHE B 148 5.02 15.42 -27.70
C PHE B 148 3.80 14.91 -26.93
N LYS B 149 3.36 15.66 -25.92
CA LYS B 149 2.22 15.25 -25.12
C LYS B 149 1.03 14.76 -25.98
N GLU B 150 0.82 15.38 -27.14
CA GLU B 150 -0.29 14.99 -28.01
C GLU B 150 -0.03 13.70 -28.79
N ILE B 151 1.22 13.52 -29.19
CA ILE B 151 1.63 12.34 -29.96
C ILE B 151 2.46 11.37 -29.11
N ALA B 152 2.00 11.15 -27.87
CA ALA B 152 2.69 10.26 -26.94
C ALA B 152 3.14 8.98 -27.61
N ASN B 153 2.17 8.21 -28.09
CA ASN B 153 2.46 6.95 -28.75
C ASN B 153 3.09 7.13 -30.14
N LEU B 154 4.38 7.39 -30.15
CA LEU B 154 5.14 7.58 -31.39
C LEU B 154 6.24 6.52 -31.44
N PRO B 155 6.59 6.04 -32.65
CA PRO B 155 7.63 5.02 -32.88
C PRO B 155 8.55 4.58 -31.72
N GLU B 156 9.52 5.41 -31.37
CA GLU B 156 10.48 5.09 -30.30
C GLU B 156 9.88 4.44 -29.05
N VAL B 157 8.76 4.97 -28.58
CA VAL B 157 8.12 4.40 -27.40
C VAL B 157 7.58 3.02 -27.73
N LYS B 158 7.07 2.86 -28.96
CA LYS B 158 6.52 1.58 -29.40
C LYS B 158 7.59 0.49 -29.33
N HIS B 159 8.86 0.90 -29.49
CA HIS B 159 9.99 -0.03 -29.44
C HIS B 159 10.31 -0.37 -27.99
N LYS B 160 10.07 0.60 -27.12
CA LYS B 160 10.28 0.43 -25.69
C LYS B 160 9.20 -0.53 -25.21
N ALA B 161 7.98 -0.28 -25.65
CA ALA B 161 6.86 -1.13 -25.27
C ALA B 161 7.04 -2.56 -25.76
N ALA B 162 7.76 -2.72 -26.88
CA ALA B 162 7.98 -4.05 -27.46
C ALA B 162 8.94 -4.86 -26.61
N PHE B 163 9.97 -4.18 -26.10
CA PHE B 163 10.97 -4.81 -25.25
C PHE B 163 10.28 -5.43 -24.05
N ILE B 164 9.48 -4.63 -23.34
CA ILE B 164 8.76 -5.15 -22.19
C ILE B 164 7.80 -6.24 -22.65
N GLU B 165 7.42 -6.19 -23.93
CA GLU B 165 6.50 -7.17 -24.49
C GLU B 165 7.25 -8.47 -24.83
N ARG B 166 8.57 -8.38 -24.88
CA ARG B 166 9.42 -9.51 -25.22
C ARG B 166 9.83 -10.40 -24.04
N TRP B 167 10.50 -9.82 -23.05
CA TRP B 167 10.98 -10.60 -21.92
C TRP B 167 10.08 -10.62 -20.67
N ILE B 168 9.36 -9.54 -20.41
CA ILE B 168 8.48 -9.48 -19.23
C ILE B 168 7.04 -9.94 -19.42
N SER B 169 6.33 -9.34 -20.37
CA SER B 169 4.92 -9.68 -20.62
C SER B 169 4.72 -11.05 -21.26
N ASN B 170 5.59 -11.38 -22.21
CA ASN B 170 5.55 -12.66 -22.91
C ASN B 170 5.41 -13.83 -21.94
N ASP B 171 4.41 -14.67 -22.18
CA ASP B 171 4.18 -15.84 -21.32
C ASP B 171 5.45 -16.68 -21.25
N ASP B 172 6.02 -16.97 -22.42
CA ASP B 172 7.22 -17.78 -22.48
C ASP B 172 8.45 -17.04 -21.95
N SER B 173 8.44 -16.79 -20.64
CA SER B 173 9.53 -16.10 -19.96
C SER B 173 9.78 -16.69 -18.57
N LEU B 174 11.00 -16.52 -18.07
CA LEU B 174 11.38 -17.01 -16.75
C LEU B 174 11.62 -15.84 -15.79
N TYR B 175 11.39 -16.07 -14.50
CA TYR B 175 11.56 -15.05 -13.47
C TYR B 175 12.91 -14.35 -13.52
N ALA B 176 13.98 -15.14 -13.57
CA ALA B 176 15.31 -14.56 -13.62
C ALA B 176 15.40 -13.63 -14.82
N GLU B 177 14.85 -14.05 -15.95
CA GLU B 177 14.87 -13.24 -17.15
C GLU B 177 14.12 -11.92 -16.93
N ARG B 178 12.85 -12.03 -16.55
CA ARG B 178 12.03 -10.84 -16.31
C ARG B 178 12.76 -9.89 -15.37
N LEU B 179 13.54 -10.44 -14.45
CA LEU B 179 14.29 -9.61 -13.52
C LEU B 179 15.32 -8.78 -14.29
N VAL B 180 16.16 -9.44 -15.08
CA VAL B 180 17.18 -8.73 -15.85
C VAL B 180 16.55 -7.65 -16.75
N ALA B 181 15.43 -7.97 -17.39
CA ALA B 181 14.75 -7.01 -18.24
C ALA B 181 14.29 -5.82 -17.40
N PHE B 182 13.66 -6.12 -16.28
CA PHE B 182 13.16 -5.09 -15.38
C PHE B 182 14.26 -4.10 -15.03
N ALA B 183 15.46 -4.60 -14.73
CA ALA B 183 16.59 -3.73 -14.39
C ALA B 183 17.00 -2.87 -15.58
N ALA B 184 16.92 -3.45 -16.78
CA ALA B 184 17.24 -2.73 -17.99
C ALA B 184 16.29 -1.54 -18.02
N LYS B 185 15.01 -1.84 -17.90
CA LYS B 185 13.96 -0.82 -17.91
C LYS B 185 14.07 0.18 -16.77
N GLU B 186 14.79 -0.20 -15.72
CA GLU B 186 14.93 0.67 -14.56
C GLU B 186 16.22 1.49 -14.58
N GLY B 187 17.32 0.83 -14.92
CA GLY B 187 18.61 1.50 -14.92
C GLY B 187 19.19 1.86 -16.27
N ILE B 188 19.07 0.96 -17.24
CA ILE B 188 19.59 1.23 -18.56
C ILE B 188 18.80 2.36 -19.20
N PHE B 189 17.58 2.05 -19.62
CA PHE B 189 16.72 3.02 -20.27
C PHE B 189 16.96 4.50 -20.02
N GLN B 190 16.12 5.12 -19.21
CA GLN B 190 16.27 6.55 -18.98
C GLN B 190 17.61 7.09 -18.49
N ALA B 191 18.68 6.30 -18.60
CA ALA B 191 20.00 6.75 -18.16
C ALA B 191 20.36 8.01 -18.94
N GLY B 192 19.92 8.06 -20.19
CA GLY B 192 20.18 9.22 -21.02
C GLY B 192 19.61 10.47 -20.39
N ASN B 193 18.35 10.40 -19.96
CA ASN B 193 17.67 11.53 -19.32
C ASN B 193 18.53 12.15 -18.23
N TYR B 194 18.76 11.39 -17.16
CA TYR B 194 19.56 11.86 -16.04
C TYR B 194 20.92 12.38 -16.50
N ALA B 195 21.56 11.64 -17.38
CA ALA B 195 22.85 12.02 -17.91
C ALA B 195 22.78 13.44 -18.46
N SER B 196 21.68 13.74 -19.13
CA SER B 196 21.46 15.06 -19.72
C SER B 196 21.27 16.14 -18.67
N MET B 197 20.28 15.95 -17.82
CA MET B 197 19.97 16.92 -16.77
C MET B 197 21.13 17.12 -15.81
N PHE B 198 21.97 16.10 -15.64
CA PHE B 198 23.11 16.28 -14.76
C PHE B 198 24.01 17.34 -15.41
N TRP B 199 23.96 17.38 -16.74
CA TRP B 199 24.74 18.35 -17.49
C TRP B 199 24.09 19.73 -17.32
N LEU B 200 22.89 19.88 -17.87
CA LEU B 200 22.14 21.14 -17.80
C LEU B 200 22.03 21.71 -16.39
N THR B 201 22.26 20.88 -15.39
CA THR B 201 22.20 21.30 -13.99
C THR B 201 23.60 21.19 -13.42
N ASP B 202 24.58 21.48 -14.25
CA ASP B 202 25.96 21.40 -13.81
C ASP B 202 26.44 22.80 -13.47
N LYS B 203 26.75 23.01 -12.20
CA LYS B 203 27.25 24.28 -11.70
C LYS B 203 26.24 25.43 -11.68
N LYS B 204 25.65 25.65 -10.50
CA LYS B 204 24.68 26.72 -10.25
C LYS B 204 23.36 26.76 -11.04
N ILE B 205 23.38 26.36 -12.31
CA ILE B 205 22.15 26.39 -13.13
C ILE B 205 21.03 25.51 -12.58
N MET B 206 19.85 26.11 -12.38
CA MET B 206 18.67 25.40 -11.87
C MET B 206 18.93 24.46 -10.69
N PRO B 207 19.01 25.01 -9.46
CA PRO B 207 19.25 24.19 -8.27
C PRO B 207 18.14 23.17 -8.01
N GLY B 208 16.93 23.53 -8.42
CA GLY B 208 15.79 22.66 -8.22
C GLY B 208 15.82 21.39 -9.04
N LEU B 209 15.62 21.51 -10.35
CA LEU B 209 15.65 20.35 -11.23
C LEU B 209 16.86 19.51 -10.89
N ALA B 210 17.88 20.15 -10.33
CA ALA B 210 19.11 19.47 -9.96
C ALA B 210 18.92 18.51 -8.79
N MET B 211 18.29 18.97 -7.71
CA MET B 211 18.05 18.11 -6.54
C MET B 211 17.06 17.02 -6.91
N ALA B 212 16.00 17.40 -7.61
CA ALA B 212 14.99 16.44 -8.04
C ALA B 212 15.63 15.36 -8.89
N ASN B 213 16.57 15.76 -9.75
CA ASN B 213 17.23 14.79 -10.61
C ASN B 213 18.20 13.95 -9.80
N ARG B 214 19.02 14.59 -8.97
CA ARG B 214 19.97 13.84 -8.16
C ARG B 214 19.26 12.69 -7.42
N ASN B 215 18.09 13.00 -6.86
CA ASN B 215 17.30 12.02 -6.11
C ASN B 215 16.72 10.85 -6.90
N ILE B 216 15.97 11.18 -7.94
CA ILE B 216 15.33 10.18 -8.77
C ILE B 216 16.40 9.22 -9.26
N CYS B 217 17.53 9.76 -9.68
CA CYS B 217 18.61 8.94 -10.18
C CYS B 217 19.11 8.05 -9.06
N ARG B 218 19.21 8.59 -7.85
CA ARG B 218 19.68 7.77 -6.74
C ARG B 218 18.70 6.61 -6.45
N ASP B 219 17.40 6.93 -6.40
CA ASP B 219 16.37 5.94 -6.12
C ASP B 219 16.23 4.95 -7.28
N ARG B 220 16.31 5.46 -8.50
CA ARG B 220 16.17 4.59 -9.66
C ARG B 220 17.33 3.60 -9.64
N GLY B 221 18.48 4.06 -9.18
CA GLY B 221 19.63 3.20 -9.10
C GLY B 221 19.32 2.09 -8.14
N ALA B 222 18.83 2.45 -6.95
CA ALA B 222 18.49 1.47 -5.92
C ALA B 222 17.43 0.51 -6.44
N TYR B 223 16.36 1.03 -7.05
CA TYR B 223 15.34 0.14 -7.58
C TYR B 223 15.93 -0.84 -8.60
N THR B 224 16.99 -0.43 -9.31
CA THR B 224 17.61 -1.34 -10.28
C THR B 224 18.41 -2.38 -9.53
N ASP B 225 19.20 -1.92 -8.56
CA ASP B 225 20.00 -2.82 -7.73
C ASP B 225 19.13 -3.89 -7.10
N PHE B 226 17.99 -3.48 -6.57
CA PHE B 226 17.11 -4.43 -5.92
C PHE B 226 16.87 -5.65 -6.80
N SER B 227 16.78 -5.43 -8.10
CA SER B 227 16.56 -6.57 -9.00
C SER B 227 17.85 -7.35 -9.17
N CYS B 228 18.99 -6.69 -9.01
CA CYS B 228 20.27 -7.39 -9.11
C CYS B 228 20.45 -8.18 -7.82
N LEU B 229 19.86 -7.69 -6.75
CA LEU B 229 19.92 -8.36 -5.46
C LEU B 229 19.03 -9.60 -5.47
N LEU B 230 17.84 -9.49 -6.05
CA LEU B 230 16.96 -10.65 -6.10
C LEU B 230 17.63 -11.68 -6.98
N PHE B 231 17.91 -11.28 -8.22
CA PHE B 231 18.56 -12.16 -9.16
C PHE B 231 19.69 -12.92 -8.46
N ALA B 232 20.60 -12.18 -7.83
CA ALA B 232 21.72 -12.78 -7.13
C ALA B 232 21.31 -13.93 -6.24
N HIS B 233 20.14 -13.85 -5.64
CA HIS B 233 19.71 -14.92 -4.76
C HIS B 233 18.98 -16.06 -5.45
N LEU B 234 18.99 -16.04 -6.78
CA LEU B 234 18.34 -17.09 -7.55
C LEU B 234 19.30 -18.26 -7.69
N ARG B 235 18.82 -19.46 -7.35
CA ARG B 235 19.62 -20.68 -7.40
C ARG B 235 19.94 -21.15 -8.81
N THR B 236 19.02 -20.87 -9.72
CA THR B 236 19.12 -21.25 -11.13
C THR B 236 19.18 -19.98 -11.96
N LYS B 237 20.37 -19.61 -12.43
CA LYS B 237 20.51 -18.42 -13.25
C LYS B 237 20.25 -18.83 -14.71
N PRO B 238 19.84 -17.88 -15.55
CA PRO B 238 19.58 -18.22 -16.95
C PRO B 238 20.92 -18.18 -17.67
N ASN B 239 20.96 -18.56 -18.96
CA ASN B 239 22.22 -18.58 -19.71
C ASN B 239 22.86 -17.20 -19.79
N PRO B 240 24.19 -17.11 -19.57
CA PRO B 240 24.88 -15.83 -19.63
C PRO B 240 24.67 -15.03 -20.92
N LYS B 241 24.39 -15.71 -22.02
CA LYS B 241 24.18 -15.04 -23.30
C LYS B 241 22.84 -14.31 -23.36
N ILE B 242 21.78 -14.95 -22.88
CA ILE B 242 20.45 -14.33 -22.88
C ILE B 242 20.51 -13.00 -22.14
N ILE B 243 21.25 -12.95 -21.04
CA ILE B 243 21.39 -11.72 -20.27
C ILE B 243 21.90 -10.64 -21.22
N GLU B 244 23.12 -10.84 -21.71
CA GLU B 244 23.72 -9.89 -22.63
C GLU B 244 22.79 -9.66 -23.82
N LYS B 245 21.87 -10.59 -24.08
CA LYS B 245 20.93 -10.45 -25.18
C LYS B 245 19.76 -9.52 -24.81
N ILE B 246 19.45 -9.46 -23.52
CA ILE B 246 18.35 -8.61 -23.04
C ILE B 246 18.81 -7.16 -22.89
N ILE B 247 20.00 -6.96 -22.34
CA ILE B 247 20.54 -5.61 -22.16
C ILE B 247 20.77 -4.88 -23.47
N THR B 248 21.53 -5.52 -24.36
CA THR B 248 21.84 -4.93 -25.66
C THR B 248 20.60 -4.31 -26.27
N GLU B 249 19.56 -5.12 -26.43
CA GLU B 249 18.30 -4.63 -27.02
C GLU B 249 17.81 -3.32 -26.39
N ALA B 250 17.88 -3.22 -25.05
CA ALA B 250 17.44 -2.03 -24.35
C ALA B 250 18.42 -0.89 -24.59
N VAL B 251 19.68 -1.24 -24.84
CA VAL B 251 20.67 -0.22 -25.12
C VAL B 251 20.38 0.33 -26.52
N GLU B 252 19.86 -0.52 -27.39
CA GLU B 252 19.52 -0.09 -28.74
C GLU B 252 18.26 0.77 -28.69
N ILE B 253 17.27 0.31 -27.94
CA ILE B 253 16.02 1.05 -27.82
C ILE B 253 16.26 2.34 -27.05
N GLU B 254 17.38 2.43 -26.33
CA GLU B 254 17.70 3.64 -25.57
C GLU B 254 18.38 4.69 -26.42
N LYS B 255 19.51 4.32 -27.03
CA LYS B 255 20.27 5.24 -27.89
C LYS B 255 19.30 5.89 -28.86
N GLU B 256 18.38 5.08 -29.37
CA GLU B 256 17.38 5.53 -30.33
C GLU B 256 16.78 6.89 -29.98
N TYR B 257 15.63 6.91 -29.31
CA TYR B 257 14.98 8.17 -28.96
C TYR B 257 15.84 9.14 -28.16
N TYR B 258 16.85 8.61 -27.46
CA TYR B 258 17.76 9.44 -26.66
C TYR B 258 18.53 10.40 -27.56
N SER B 259 18.68 10.02 -28.83
CA SER B 259 19.39 10.84 -29.81
C SER B 259 18.52 11.06 -31.05
N ASN B 260 17.20 10.91 -30.89
CA ASN B 260 16.26 11.11 -31.99
C ASN B 260 15.17 12.10 -31.57
N SER B 261 14.91 12.19 -30.26
CA SER B 261 13.90 13.12 -29.76
C SER B 261 14.50 14.53 -29.85
N LEU B 262 15.56 14.76 -29.08
CA LEU B 262 16.24 16.05 -29.06
C LEU B 262 17.75 15.85 -29.00
N PRO B 263 18.54 16.84 -29.45
CA PRO B 263 20.01 16.75 -29.44
C PRO B 263 20.55 16.20 -28.12
N HIS B 275 26.84 11.11 -23.96
CA HIS B 275 26.51 10.63 -25.29
C HIS B 275 26.36 9.11 -25.28
N THR B 276 27.48 8.43 -25.54
CA THR B 276 27.52 6.97 -25.56
C THR B 276 27.61 6.53 -24.10
N TYR B 277 27.02 7.33 -23.23
CA TYR B 277 27.01 7.06 -21.79
C TYR B 277 26.31 5.75 -21.47
N ILE B 278 25.32 5.42 -22.30
CA ILE B 278 24.54 4.20 -22.14
C ILE B 278 25.40 2.95 -22.04
N GLU B 279 26.40 2.86 -22.93
CA GLU B 279 27.28 1.70 -22.94
C GLU B 279 27.98 1.54 -21.59
N PHE B 280 28.42 2.65 -21.01
CA PHE B 280 29.10 2.60 -19.72
C PHE B 280 28.20 1.94 -18.70
N VAL B 281 27.01 2.50 -18.53
CA VAL B 281 26.03 1.98 -17.60
C VAL B 281 25.66 0.55 -18.01
N ALA B 282 25.38 0.37 -19.29
CA ALA B 282 25.02 -0.94 -19.80
C ALA B 282 25.99 -2.04 -19.35
N ASP B 283 27.27 -1.68 -19.16
CA ASP B 283 28.26 -2.67 -18.74
C ASP B 283 28.21 -2.91 -17.24
N GLY B 284 28.09 -1.83 -16.47
CA GLY B 284 28.02 -1.96 -15.03
C GLY B 284 26.89 -2.88 -14.63
N LEU B 285 25.76 -2.74 -15.31
CA LEU B 285 24.61 -3.58 -15.03
C LEU B 285 24.90 -5.00 -15.50
N LEU B 286 25.61 -5.11 -16.62
CA LEU B 286 25.95 -6.43 -17.15
C LEU B 286 26.75 -7.17 -16.09
N GLN B 287 27.66 -6.45 -15.46
CA GLN B 287 28.50 -7.02 -14.42
C GLN B 287 27.60 -7.30 -13.23
N GLY B 288 26.60 -6.45 -13.07
CA GLY B 288 25.65 -6.59 -11.98
C GLY B 288 25.00 -7.96 -11.94
N PHE B 289 24.74 -8.55 -13.09
CA PHE B 289 24.13 -9.87 -13.12
C PHE B 289 25.16 -11.00 -13.28
N GLY B 290 26.45 -10.65 -13.30
CA GLY B 290 27.48 -11.66 -13.45
C GLY B 290 27.66 -12.02 -14.92
N ASN B 291 28.13 -11.04 -15.69
CA ASN B 291 28.37 -11.20 -17.12
C ASN B 291 29.60 -10.41 -17.51
N GLU B 292 29.92 -10.44 -18.79
CA GLU B 292 31.08 -9.73 -19.30
C GLU B 292 30.63 -8.42 -19.93
N LYS B 293 31.46 -7.39 -19.79
CA LYS B 293 31.15 -6.09 -20.34
C LYS B 293 31.09 -6.18 -21.87
N TYR B 294 29.90 -6.06 -22.43
CA TYR B 294 29.72 -6.15 -23.88
C TYR B 294 30.33 -5.02 -24.71
N TYR B 295 30.35 -3.81 -24.15
CA TYR B 295 30.90 -2.66 -24.86
C TYR B 295 32.32 -2.34 -24.38
ZN ZN C . -5.50 1.50 6.51
#